data_9CSE
#
_entry.id   9CSE
#
_cell.length_a   67.603
_cell.length_b   103.327
_cell.length_c   95.710
_cell.angle_alpha   90.00
_cell.angle_beta   90.00
_cell.angle_gamma   90.00
#
_symmetry.space_group_name_H-M   'C 2 2 21'
#
loop_
_entity.id
_entity.type
_entity.pdbx_description
1 polymer 'Large adhesion protein'
2 non-polymer 1,2-ETHANEDIOL
3 non-polymer 'CALCIUM ION'
4 water water
#
_entity_poly.entity_id   1
_entity_poly.type   'polypeptide(L)'
_entity_poly.pdbx_seq_one_letter_code
;MASSHHHHHHSSGLVPRGSHMAVADKPVVDISLTGNGVPLYTQYPSSGISTGAFQSGSFNKGNFGITSSFTDSTTTQDSV
VGTSGNDYIVSVKGGGDYFVGGAGNDVLVGGNSVSGDTLDGGTGNDILVAGLGGDTLFGGAGTDLAVLMGSRANYVIERR
SDGGFNFLVKENGVTISKSLYDIELVQFDDGIYQFNQTDGTLTAVQPSVVDYPFEISASLTDRDGSEQFDSLVLTGMPTG
STLYQGSTVLGTVGADGKLTLTGLWNQSALDVKLTGLTLRVPGSSAGQFDLKVEAIAKEVATDQTSSASDQDSIRMSYFL
STEGEPGDQNRTYGNEHNIVVGDLDGSVVLPG
;
_entity_poly.pdbx_strand_id   A
#
loop_
_chem_comp.id
_chem_comp.type
_chem_comp.name
_chem_comp.formula
CA non-polymer 'CALCIUM ION' 'Ca 2'
EDO non-polymer 1,2-ETHANEDIOL 'C2 H6 O2'
#
# COMPACT_ATOMS: atom_id res chain seq x y z
N ALA A 22 31.86 33.81 10.84
CA ALA A 22 31.46 33.11 9.59
C ALA A 22 31.79 31.61 9.69
N VAL A 23 31.54 31.03 10.87
CA VAL A 23 31.65 29.57 11.10
C VAL A 23 30.27 28.95 10.88
N ALA A 24 30.13 28.04 9.90
CA ALA A 24 28.87 27.30 9.65
C ALA A 24 28.49 26.55 10.94
N ASP A 25 27.30 26.82 11.46
CA ASP A 25 26.76 26.16 12.68
C ASP A 25 26.03 24.88 12.25
N LYS A 26 26.10 23.82 13.05
CA LYS A 26 25.55 22.49 12.71
C LYS A 26 24.03 22.61 12.74
N PRO A 27 23.31 22.19 11.67
CA PRO A 27 21.87 22.32 11.67
C PRO A 27 21.21 21.15 12.39
N VAL A 28 19.88 21.09 12.35
CA VAL A 28 19.13 19.92 12.87
C VAL A 28 18.34 19.31 11.71
N VAL A 29 18.41 18.00 11.56
CA VAL A 29 17.74 17.26 10.45
C VAL A 29 16.94 16.13 11.06
N ASP A 30 15.76 15.89 10.52
CA ASP A 30 14.94 14.72 10.87
C ASP A 30 14.48 14.08 9.56
N ILE A 31 14.63 12.76 9.46
CA ILE A 31 13.98 11.95 8.39
C ILE A 31 12.93 11.08 9.06
N SER A 32 11.78 10.90 8.42
CA SER A 32 10.67 10.07 8.95
C SER A 32 10.01 9.28 7.82
N LEU A 33 10.10 7.95 7.91
CA LEU A 33 9.17 7.01 7.23
C LEU A 33 7.75 7.41 7.67
N THR A 34 6.86 7.80 6.74
CA THR A 34 5.49 8.25 7.09
C THR A 34 4.49 7.11 6.96
N GLY A 35 4.89 5.99 6.36
CA GLY A 35 4.09 4.76 6.39
C GLY A 35 4.94 3.58 6.04
N ASN A 36 4.39 2.37 6.10
CA ASN A 36 5.11 1.15 5.65
C ASN A 36 5.19 1.21 4.12
N GLY A 37 6.18 0.51 3.57
CA GLY A 37 6.34 0.26 2.13
C GLY A 37 5.07 -0.29 1.52
N VAL A 38 4.70 0.18 0.33
CA VAL A 38 3.53 -0.35 -0.42
C VAL A 38 4.06 -1.15 -1.59
N PRO A 39 4.03 -2.49 -1.57
CA PRO A 39 4.42 -3.28 -2.74
C PRO A 39 3.39 -3.17 -3.88
N LEU A 40 3.89 -2.93 -5.09
CA LEU A 40 3.07 -2.76 -6.31
C LEU A 40 3.48 -3.86 -7.29
N TYR A 41 2.51 -4.39 -8.01
CA TYR A 41 2.71 -5.50 -8.98
C TYR A 41 2.09 -5.06 -10.31
N THR A 42 2.90 -5.09 -11.37
CA THR A 42 2.51 -4.64 -12.72
C THR A 42 1.35 -5.52 -13.23
N GLN A 43 1.34 -6.80 -12.87
CA GLN A 43 0.37 -7.78 -13.42
C GLN A 43 -0.89 -7.82 -12.56
N TYR A 44 -0.94 -7.17 -11.37
CA TYR A 44 -2.09 -7.19 -10.43
C TYR A 44 -2.52 -5.75 -10.16
N PRO A 45 -3.52 -5.20 -10.90
CA PRO A 45 -3.97 -3.82 -10.68
C PRO A 45 -4.60 -3.51 -9.31
N SER A 46 -5.01 -4.55 -8.55
CA SER A 46 -5.48 -4.39 -7.17
C SER A 46 -4.32 -3.92 -6.25
N SER A 47 -3.07 -4.18 -6.62
CA SER A 47 -1.90 -3.90 -5.75
C SER A 47 -1.84 -2.40 -5.45
N GLY A 48 -1.60 -2.04 -4.20
CA GLY A 48 -1.51 -0.63 -3.75
C GLY A 48 -2.87 -0.03 -3.47
N ILE A 49 -3.95 -0.74 -3.72
CA ILE A 49 -5.30 -0.25 -3.36
C ILE A 49 -5.69 -0.79 -1.99
N SER A 50 -5.89 0.11 -1.03
CA SER A 50 -6.30 -0.25 0.34
C SER A 50 -7.77 -0.65 0.31
N THR A 51 -8.19 -1.49 1.25
CA THR A 51 -9.63 -1.78 1.46
C THR A 51 -10.44 -0.47 1.50
N GLY A 52 -9.92 0.55 2.19
CA GLY A 52 -10.59 1.86 2.37
C GLY A 52 -10.85 2.53 1.03
N ALA A 53 -9.84 2.61 0.20
CA ALA A 53 -9.90 3.14 -1.18
C ALA A 53 -10.91 2.33 -2.01
N PHE A 54 -10.96 1.00 -1.88
CA PHE A 54 -11.95 0.14 -2.58
C PHE A 54 -13.38 0.50 -2.13
N GLN A 55 -13.59 0.63 -0.84
CA GLN A 55 -14.93 0.92 -0.24
C GLN A 55 -15.37 2.35 -0.59
N SER A 56 -14.44 3.27 -0.81
CA SER A 56 -14.75 4.69 -1.11
C SER A 56 -14.74 4.94 -2.63
N GLY A 57 -14.24 4.02 -3.45
CA GLY A 57 -14.16 4.25 -4.91
C GLY A 57 -12.99 5.13 -5.30
N SER A 58 -12.04 5.35 -4.38
CA SER A 58 -10.79 6.08 -4.69
C SER A 58 -9.74 5.14 -5.30
N PHE A 59 -10.01 4.63 -6.49
CA PHE A 59 -9.04 3.89 -7.33
C PHE A 59 -9.48 4.05 -8.78
N ASN A 60 -8.67 3.61 -9.73
CA ASN A 60 -8.95 3.75 -11.18
C ASN A 60 -9.75 2.52 -11.66
N LYS A 61 -11.07 2.66 -11.71
CA LYS A 61 -11.99 1.61 -12.24
C LYS A 61 -11.57 1.20 -13.65
N GLY A 62 -11.00 2.11 -14.44
CA GLY A 62 -10.48 1.79 -15.79
C GLY A 62 -9.47 0.65 -15.79
N ASN A 63 -8.64 0.53 -14.76
CA ASN A 63 -7.60 -0.52 -14.70
C ASN A 63 -8.24 -1.91 -14.60
N PHE A 64 -9.53 -1.98 -14.27
CA PHE A 64 -10.28 -3.24 -14.08
C PHE A 64 -11.32 -3.44 -15.18
N GLY A 65 -11.38 -2.52 -16.16
CA GLY A 65 -12.36 -2.50 -17.25
C GLY A 65 -13.80 -2.47 -16.74
N ILE A 66 -14.07 -1.74 -15.66
CA ILE A 66 -15.42 -1.71 -15.03
C ILE A 66 -16.39 -1.07 -16.03
N THR A 67 -17.50 -1.74 -16.33
CA THR A 67 -18.55 -1.26 -17.27
C THR A 67 -19.86 -0.98 -16.53
N SER A 68 -20.04 -1.49 -15.32
CA SER A 68 -21.24 -1.19 -14.50
C SER A 68 -20.83 -1.05 -13.04
N SER A 69 -21.45 -0.12 -12.31
CA SER A 69 -21.23 0.03 -10.85
C SER A 69 -22.55 -0.08 -10.12
N PHE A 70 -22.52 -0.67 -8.94
CA PHE A 70 -23.73 -0.94 -8.13
C PHE A 70 -23.33 -0.75 -6.68
N THR A 71 -24.28 -0.35 -5.85
CA THR A 71 -24.12 -0.26 -4.38
C THR A 71 -25.19 -1.14 -3.73
N ASP A 72 -25.08 -1.34 -2.42
CA ASP A 72 -26.16 -1.90 -1.57
C ASP A 72 -27.19 -0.79 -1.29
N SER A 73 -28.12 -1.01 -0.35
CA SER A 73 -29.23 -0.06 -0.04
C SER A 73 -29.42 0.11 1.48
N THR A 74 -29.62 -0.98 2.22
CA THR A 74 -29.96 -1.02 3.66
C THR A 74 -28.70 -1.24 4.51
N THR A 75 -28.86 -1.34 5.84
CA THR A 75 -27.76 -1.69 6.77
C THR A 75 -27.91 -3.16 7.17
N THR A 76 -28.66 -3.95 6.41
CA THR A 76 -28.83 -5.40 6.68
C THR A 76 -28.41 -6.16 5.43
N GLN A 77 -28.62 -7.47 5.42
CA GLN A 77 -28.23 -8.37 4.30
C GLN A 77 -29.01 -7.95 3.03
N ASP A 78 -28.33 -7.27 2.11
CA ASP A 78 -28.85 -6.92 0.77
C ASP A 78 -28.21 -7.86 -0.24
N SER A 79 -29.00 -8.39 -1.17
CA SER A 79 -28.49 -9.16 -2.33
C SER A 79 -28.44 -8.27 -3.58
N VAL A 80 -27.25 -8.02 -4.11
CA VAL A 80 -27.02 -7.27 -5.39
C VAL A 80 -26.37 -8.23 -6.37
N VAL A 81 -27.09 -8.50 -7.47
CA VAL A 81 -26.60 -9.25 -8.65
C VAL A 81 -26.08 -8.26 -9.70
N GLY A 82 -24.91 -8.57 -10.25
CA GLY A 82 -24.21 -7.75 -11.25
C GLY A 82 -24.67 -8.11 -12.66
N THR A 83 -23.73 -8.11 -13.60
CA THR A 83 -23.96 -8.31 -15.04
C THR A 83 -22.94 -9.35 -15.53
N SER A 84 -23.04 -9.74 -16.78
CA SER A 84 -22.07 -10.63 -17.43
C SER A 84 -20.81 -9.82 -17.71
N GLY A 85 -20.87 -8.49 -17.53
CA GLY A 85 -19.70 -7.60 -17.71
C GLY A 85 -18.86 -7.47 -16.43
N ASN A 86 -17.82 -6.64 -16.48
CA ASN A 86 -16.94 -6.29 -15.31
C ASN A 86 -17.70 -5.31 -14.41
N ASP A 87 -18.16 -5.79 -13.28
CA ASP A 87 -18.94 -5.01 -12.28
C ASP A 87 -18.09 -4.57 -11.08
N TYR A 88 -18.27 -3.31 -10.65
CA TYR A 88 -17.93 -2.81 -9.31
C TYR A 88 -19.20 -2.81 -8.47
N ILE A 89 -19.22 -3.64 -7.43
CA ILE A 89 -20.34 -3.67 -6.46
C ILE A 89 -19.77 -3.44 -5.06
N VAL A 90 -20.26 -2.42 -4.37
CA VAL A 90 -19.69 -1.94 -3.07
C VAL A 90 -20.80 -1.81 -2.01
N SER A 91 -20.56 -2.36 -0.81
CA SER A 91 -21.37 -2.15 0.41
C SER A 91 -21.04 -0.77 1.00
N VAL A 92 -21.88 0.23 0.72
CA VAL A 92 -21.73 1.63 1.22
C VAL A 92 -22.45 1.77 2.58
N LYS A 93 -23.38 0.87 2.92
CA LYS A 93 -24.21 0.97 4.15
C LYS A 93 -23.94 -0.23 5.06
N GLY A 94 -22.93 -1.03 4.75
CA GLY A 94 -22.55 -2.17 5.60
C GLY A 94 -23.72 -3.11 5.82
N GLY A 95 -23.61 -3.98 6.82
CA GLY A 95 -24.70 -4.88 7.28
C GLY A 95 -24.41 -6.33 6.98
N GLY A 96 -23.47 -6.60 6.07
CA GLY A 96 -23.18 -7.96 5.59
C GLY A 96 -24.02 -8.29 4.36
N ASP A 97 -23.61 -7.76 3.20
CA ASP A 97 -24.38 -7.87 1.94
C ASP A 97 -23.92 -9.09 1.16
N TYR A 98 -24.79 -9.60 0.29
CA TYR A 98 -24.51 -10.73 -0.62
C TYR A 98 -24.36 -10.18 -2.04
N PHE A 99 -23.17 -10.34 -2.64
CA PHE A 99 -22.87 -9.75 -3.96
C PHE A 99 -22.57 -10.88 -4.94
N VAL A 100 -23.35 -10.93 -6.03
CA VAL A 100 -23.15 -11.93 -7.10
C VAL A 100 -22.55 -11.20 -8.30
N GLY A 101 -21.30 -11.53 -8.64
CA GLY A 101 -20.57 -10.90 -9.75
C GLY A 101 -20.95 -11.50 -11.10
N GLY A 102 -21.21 -12.80 -11.13
CA GLY A 102 -21.52 -13.50 -12.38
C GLY A 102 -20.31 -13.48 -13.28
N ALA A 103 -20.54 -13.52 -14.59
CA ALA A 103 -19.44 -13.49 -15.56
C ALA A 103 -18.76 -12.12 -15.52
N GLY A 104 -17.58 -12.10 -16.11
CA GLY A 104 -16.72 -10.91 -16.18
C GLY A 104 -15.81 -10.85 -14.99
N ASN A 105 -14.81 -9.97 -15.10
CA ASN A 105 -13.80 -9.72 -14.05
C ASN A 105 -14.35 -8.64 -13.11
N ASP A 106 -14.89 -9.08 -11.97
CA ASP A 106 -15.66 -8.23 -11.05
C ASP A 106 -14.76 -7.73 -9.92
N VAL A 107 -15.18 -6.63 -9.29
CA VAL A 107 -14.52 -6.06 -8.10
C VAL A 107 -15.64 -5.92 -7.07
N LEU A 108 -15.67 -6.88 -6.14
CA LEU A 108 -16.76 -6.98 -5.13
C LEU A 108 -16.17 -6.54 -3.80
N VAL A 109 -16.73 -5.47 -3.26
CA VAL A 109 -16.21 -4.77 -2.06
C VAL A 109 -17.25 -4.85 -0.93
N GLY A 110 -16.97 -5.68 0.06
CA GLY A 110 -17.78 -5.79 1.28
C GLY A 110 -17.61 -4.60 2.21
N GLY A 111 -18.37 -4.59 3.29
CA GLY A 111 -18.25 -3.57 4.34
C GLY A 111 -17.52 -4.11 5.57
N ASN A 112 -17.55 -3.25 6.60
CA ASN A 112 -16.75 -3.34 7.84
C ASN A 112 -17.63 -3.60 9.05
N SER A 113 -18.88 -4.03 8.86
CA SER A 113 -19.73 -4.47 10.00
C SER A 113 -19.27 -5.87 10.41
N VAL A 114 -19.50 -6.27 11.66
CA VAL A 114 -19.11 -7.60 12.21
C VAL A 114 -19.79 -8.68 11.36
N SER A 115 -21.03 -8.45 10.96
CA SER A 115 -21.82 -9.43 10.17
C SER A 115 -21.16 -9.56 8.80
N GLY A 116 -20.92 -10.79 8.36
CA GLY A 116 -20.13 -11.12 7.16
C GLY A 116 -20.82 -10.62 5.89
N ASP A 117 -20.03 -10.27 4.89
CA ASP A 117 -20.46 -10.24 3.48
C ASP A 117 -20.28 -11.64 2.93
N THR A 118 -21.10 -12.02 1.97
CA THR A 118 -20.89 -13.15 1.05
C THR A 118 -20.58 -12.50 -0.30
N LEU A 119 -19.35 -12.64 -0.77
CA LEU A 119 -18.89 -12.10 -2.07
C LEU A 119 -18.66 -13.26 -3.02
N ASP A 120 -19.56 -13.44 -4.00
CA ASP A 120 -19.46 -14.52 -5.00
C ASP A 120 -18.97 -13.97 -6.34
N GLY A 121 -17.70 -14.24 -6.65
CA GLY A 121 -17.02 -13.72 -7.84
C GLY A 121 -17.61 -14.28 -9.12
N GLY A 122 -18.06 -15.54 -9.10
CA GLY A 122 -18.52 -16.25 -10.31
C GLY A 122 -17.38 -16.51 -11.25
N THR A 123 -17.67 -16.73 -12.53
CA THR A 123 -16.62 -16.94 -13.53
C THR A 123 -15.87 -15.60 -13.72
N GLY A 124 -14.76 -15.67 -14.40
CA GLY A 124 -13.84 -14.53 -14.58
C GLY A 124 -12.88 -14.41 -13.42
N ASN A 125 -11.97 -13.45 -13.56
CA ASN A 125 -10.85 -13.21 -12.62
C ASN A 125 -11.31 -12.06 -11.72
N ASP A 126 -11.79 -12.38 -10.52
CA ASP A 126 -12.47 -11.41 -9.63
C ASP A 126 -11.53 -10.91 -8.50
N ILE A 127 -11.83 -9.72 -8.00
CA ILE A 127 -11.18 -9.08 -6.82
C ILE A 127 -12.29 -9.05 -5.77
N LEU A 128 -12.04 -9.70 -4.64
CA LEU A 128 -13.03 -9.88 -3.55
C LEU A 128 -12.45 -9.18 -2.34
N VAL A 129 -12.99 -8.03 -1.98
CA VAL A 129 -12.43 -7.17 -0.90
C VAL A 129 -13.30 -7.38 0.35
N ALA A 130 -12.77 -7.97 1.41
CA ALA A 130 -13.58 -8.40 2.57
C ALA A 130 -14.07 -7.21 3.40
N GLY A 131 -13.20 -6.25 3.66
CA GLY A 131 -13.43 -5.35 4.81
C GLY A 131 -13.28 -6.15 6.10
N LEU A 132 -13.71 -5.57 7.21
CA LEU A 132 -13.83 -6.28 8.52
C LEU A 132 -15.00 -7.27 8.50
N GLY A 133 -15.03 -8.16 9.48
CA GLY A 133 -16.20 -9.01 9.77
C GLY A 133 -16.08 -10.43 9.27
N GLY A 134 -17.12 -11.22 9.54
CA GLY A 134 -17.13 -12.68 9.35
C GLY A 134 -17.49 -13.07 7.93
N ASP A 135 -16.72 -12.54 6.97
CA ASP A 135 -16.98 -12.54 5.51
C ASP A 135 -16.79 -13.95 4.93
N THR A 136 -17.60 -14.32 3.94
CA THR A 136 -17.43 -15.52 3.11
C THR A 136 -17.12 -15.08 1.67
N LEU A 137 -15.99 -15.52 1.12
CA LEU A 137 -15.45 -15.11 -0.18
C LEU A 137 -15.44 -16.35 -1.05
N PHE A 138 -16.25 -16.38 -2.10
CA PHE A 138 -16.31 -17.44 -3.13
C PHE A 138 -15.69 -16.88 -4.42
N GLY A 139 -14.44 -17.25 -4.72
CA GLY A 139 -13.77 -16.85 -5.95
C GLY A 139 -14.54 -17.33 -7.17
N GLY A 140 -15.00 -18.59 -7.11
CA GLY A 140 -15.56 -19.29 -8.28
C GLY A 140 -14.47 -19.62 -9.27
N ALA A 141 -14.83 -20.01 -10.50
CA ALA A 141 -13.83 -20.35 -11.53
C ALA A 141 -12.98 -19.11 -11.82
N GLY A 142 -11.84 -19.32 -12.46
CA GLY A 142 -10.85 -18.31 -12.81
C GLY A 142 -9.84 -18.09 -11.70
N THR A 143 -8.92 -17.16 -11.96
CA THR A 143 -7.85 -16.69 -11.04
C THR A 143 -8.34 -15.46 -10.27
N ASP A 144 -8.71 -15.68 -9.01
CA ASP A 144 -9.36 -14.68 -8.13
C ASP A 144 -8.38 -14.24 -7.05
N LEU A 145 -8.55 -13.00 -6.62
CA LEU A 145 -7.68 -12.42 -5.57
C LEU A 145 -8.60 -11.90 -4.48
N ALA A 146 -8.31 -12.23 -3.22
CA ALA A 146 -8.95 -11.65 -2.02
C ALA A 146 -8.06 -10.53 -1.46
N VAL A 147 -8.64 -9.40 -1.15
CA VAL A 147 -7.98 -8.27 -0.44
C VAL A 147 -8.44 -8.29 1.02
N LEU A 148 -7.49 -8.53 1.92
CA LEU A 148 -7.67 -8.53 3.38
C LEU A 148 -6.88 -7.36 3.99
N MET A 149 -7.41 -6.79 5.05
CA MET A 149 -6.76 -5.70 5.81
C MET A 149 -5.64 -6.26 6.71
N GLY A 150 -4.69 -5.40 7.07
CA GLY A 150 -3.53 -5.80 7.90
C GLY A 150 -2.48 -6.54 7.09
N SER A 151 -1.52 -7.15 7.78
CA SER A 151 -0.39 -7.88 7.17
C SER A 151 -0.69 -9.36 7.17
N ARG A 152 -0.05 -10.11 6.27
CA ARG A 152 -0.17 -11.59 6.25
C ARG A 152 0.03 -12.14 7.66
N ALA A 153 1.00 -11.59 8.41
CA ALA A 153 1.40 -12.12 9.74
C ALA A 153 0.26 -12.00 10.74
N ASN A 154 -0.76 -11.16 10.49
CA ASN A 154 -1.94 -11.01 11.40
C ASN A 154 -2.92 -12.19 11.24
N TYR A 155 -2.70 -13.12 10.31
CA TYR A 155 -3.71 -14.13 9.89
C TYR A 155 -3.23 -15.53 10.24
N VAL A 156 -4.13 -16.28 10.84
CA VAL A 156 -4.05 -17.75 11.02
C VAL A 156 -4.91 -18.39 9.92
N ILE A 157 -4.35 -19.33 9.19
CA ILE A 157 -5.01 -20.18 8.15
C ILE A 157 -5.33 -21.53 8.77
N GLU A 158 -6.59 -21.99 8.68
CA GLU A 158 -7.02 -23.40 8.94
C GLU A 158 -7.68 -24.06 7.73
N ARG A 159 -7.46 -25.35 7.52
CA ARG A 159 -8.19 -26.13 6.48
C ARG A 159 -9.59 -26.45 7.03
N ARG A 160 -10.61 -26.30 6.19
CA ARG A 160 -12.00 -26.67 6.57
C ARG A 160 -12.33 -28.06 6.01
N SER A 161 -13.34 -28.73 6.57
CA SER A 161 -13.85 -30.02 6.03
C SER A 161 -14.34 -29.80 4.60
N ASP A 162 -14.84 -28.58 4.29
CA ASP A 162 -15.55 -28.34 3.00
C ASP A 162 -14.56 -27.93 1.91
N GLY A 163 -13.24 -28.03 2.15
CA GLY A 163 -12.22 -27.66 1.14
C GLY A 163 -11.90 -26.17 1.15
N GLY A 164 -12.64 -25.36 1.90
CA GLY A 164 -12.34 -23.93 2.05
C GLY A 164 -11.33 -23.72 3.16
N PHE A 165 -11.06 -22.46 3.50
CA PHE A 165 -10.08 -22.10 4.55
C PHE A 165 -10.66 -21.01 5.42
N ASN A 166 -10.45 -21.14 6.73
CA ASN A 166 -10.66 -20.05 7.70
C ASN A 166 -9.43 -19.15 7.71
N PHE A 167 -9.63 -17.84 7.62
CA PHE A 167 -8.61 -16.80 7.85
C PHE A 167 -9.00 -16.12 9.14
N LEU A 168 -8.30 -16.43 10.24
CA LEU A 168 -8.61 -15.82 11.55
C LEU A 168 -7.65 -14.66 11.76
N VAL A 169 -8.22 -13.58 12.27
CA VAL A 169 -7.55 -12.29 12.48
C VAL A 169 -8.28 -11.66 13.66
N LYS A 170 -7.57 -10.91 14.51
CA LYS A 170 -8.24 -10.07 15.54
C LYS A 170 -8.66 -8.76 14.88
N GLU A 171 -9.94 -8.41 14.97
CA GLU A 171 -10.43 -7.07 14.59
C GLU A 171 -11.13 -6.48 15.82
N ASN A 172 -10.71 -5.29 16.28
CA ASN A 172 -11.29 -4.62 17.46
C ASN A 172 -11.12 -5.57 18.67
N GLY A 173 -9.91 -6.11 18.85
CA GLY A 173 -9.55 -7.02 19.96
C GLY A 173 -10.30 -8.34 19.96
N VAL A 174 -11.13 -8.63 18.95
CA VAL A 174 -11.92 -9.91 18.90
C VAL A 174 -11.43 -10.76 17.73
N THR A 175 -11.30 -12.07 17.93
CA THR A 175 -10.90 -13.03 16.88
C THR A 175 -12.10 -13.25 15.95
N ILE A 176 -11.95 -12.92 14.68
CA ILE A 176 -12.99 -13.12 13.63
C ILE A 176 -12.49 -14.15 12.62
N SER A 177 -13.41 -14.93 12.05
CA SER A 177 -13.08 -15.93 11.01
C SER A 177 -13.76 -15.55 9.68
N LYS A 178 -12.95 -15.46 8.62
CA LYS A 178 -13.42 -15.27 7.23
C LYS A 178 -13.21 -16.62 6.55
N SER A 179 -14.06 -17.00 5.62
CA SER A 179 -13.83 -18.26 4.88
C SER A 179 -13.57 -17.93 3.42
N LEU A 180 -12.56 -18.56 2.83
CA LEU A 180 -12.20 -18.31 1.43
C LEU A 180 -12.31 -19.63 0.68
N TYR A 181 -12.93 -19.57 -0.49
CA TYR A 181 -13.07 -20.73 -1.38
C TYR A 181 -12.60 -20.37 -2.78
N ASP A 182 -11.87 -21.27 -3.41
CA ASP A 182 -11.45 -21.15 -4.84
C ASP A 182 -10.79 -19.78 -5.05
N ILE A 183 -10.01 -19.32 -4.08
CA ILE A 183 -9.19 -18.07 -4.21
C ILE A 183 -7.72 -18.45 -4.45
N GLU A 184 -7.12 -17.94 -5.51
CA GLU A 184 -5.76 -18.32 -5.93
C GLU A 184 -4.71 -17.38 -5.31
N LEU A 185 -5.11 -16.15 -4.97
CA LEU A 185 -4.16 -15.09 -4.53
C LEU A 185 -4.77 -14.31 -3.36
N VAL A 186 -3.93 -13.90 -2.42
CA VAL A 186 -4.40 -13.08 -1.26
C VAL A 186 -3.47 -11.88 -1.15
N GLN A 187 -4.09 -10.71 -1.14
CA GLN A 187 -3.41 -9.41 -1.07
C GLN A 187 -3.60 -8.94 0.36
N PHE A 188 -2.50 -8.72 1.05
CA PHE A 188 -2.47 -7.99 2.35
C PHE A 188 -1.68 -6.69 2.15
N ASP A 189 -1.53 -5.90 3.21
CA ASP A 189 -0.79 -4.60 3.18
C ASP A 189 0.65 -4.84 2.78
N ASP A 190 1.22 -5.98 3.17
CA ASP A 190 2.66 -6.32 2.97
C ASP A 190 2.85 -7.06 1.64
N GLY A 191 1.81 -7.32 0.85
CA GLY A 191 2.01 -7.83 -0.50
C GLY A 191 1.01 -8.90 -0.91
N ILE A 192 1.26 -9.47 -2.08
CA ILE A 192 0.38 -10.50 -2.70
C ILE A 192 1.05 -11.86 -2.56
N TYR A 193 0.28 -12.83 -2.11
CA TYR A 193 0.69 -14.24 -1.87
C TYR A 193 -0.13 -15.15 -2.79
N GLN A 194 0.57 -16.05 -3.46
CA GLN A 194 0.00 -17.26 -4.09
C GLN A 194 -0.53 -18.20 -3.00
N PHE A 195 -1.79 -18.60 -3.12
CA PHE A 195 -2.47 -19.46 -2.14
C PHE A 195 -2.59 -20.85 -2.71
N ASN A 196 -2.00 -21.80 -1.99
CA ASN A 196 -2.09 -23.27 -2.26
C ASN A 196 -3.42 -23.77 -1.70
N GLN A 197 -4.36 -24.12 -2.58
CA GLN A 197 -5.74 -24.49 -2.15
C GLN A 197 -5.83 -25.93 -1.62
N THR A 198 -4.76 -26.72 -1.69
CA THR A 198 -4.71 -28.02 -0.98
C THR A 198 -4.44 -27.83 0.52
N ASP A 199 -3.32 -27.19 0.89
CA ASP A 199 -2.78 -27.22 2.28
C ASP A 199 -2.70 -25.82 2.88
N GLY A 200 -3.09 -24.79 2.13
CA GLY A 200 -3.31 -23.47 2.72
C GLY A 200 -2.00 -22.72 2.86
N THR A 201 -0.94 -23.16 2.19
CA THR A 201 0.34 -22.41 2.14
C THR A 201 0.13 -21.06 1.41
N LEU A 202 0.59 -19.96 2.01
CA LEU A 202 0.73 -18.65 1.34
C LEU A 202 2.19 -18.41 0.95
N THR A 203 2.45 -18.22 -0.35
CA THR A 203 3.81 -17.98 -0.90
C THR A 203 3.88 -16.57 -1.47
N ALA A 204 4.75 -15.75 -0.88
CA ALA A 204 4.96 -14.33 -1.26
C ALA A 204 5.35 -14.24 -2.73
N VAL A 205 4.69 -13.36 -3.47
CA VAL A 205 5.07 -13.04 -4.87
C VAL A 205 5.98 -11.82 -4.76
N GLN A 206 7.13 -11.83 -5.43
CA GLN A 206 8.07 -10.67 -5.46
C GLN A 206 7.34 -9.50 -6.14
N PRO A 207 7.28 -8.35 -5.46
CA PRO A 207 6.73 -7.14 -6.06
C PRO A 207 7.52 -6.63 -7.27
N SER A 208 6.86 -5.86 -8.12
CA SER A 208 7.49 -5.14 -9.25
C SER A 208 8.36 -4.02 -8.66
N VAL A 209 7.79 -3.28 -7.69
CA VAL A 209 8.42 -2.13 -6.98
C VAL A 209 7.79 -2.09 -5.58
N VAL A 210 8.45 -1.43 -4.64
CA VAL A 210 7.90 -1.08 -3.32
C VAL A 210 8.06 0.43 -3.17
N ASP A 211 6.96 1.13 -2.86
CA ASP A 211 6.95 2.59 -2.56
C ASP A 211 7.15 2.82 -1.06
N TYR A 212 8.23 3.49 -0.70
CA TYR A 212 8.48 3.90 0.71
C TYR A 212 8.26 5.40 0.85
N PRO A 213 7.17 5.81 1.53
CA PRO A 213 6.92 7.24 1.75
C PRO A 213 7.69 7.81 2.95
N PHE A 214 8.23 9.01 2.78
CA PHE A 214 8.96 9.65 3.90
C PHE A 214 8.94 11.17 3.79
N GLU A 215 9.48 11.79 4.82
CA GLU A 215 9.59 13.26 4.95
C GLU A 215 10.96 13.61 5.51
N ILE A 216 11.44 14.78 5.12
CA ILE A 216 12.69 15.37 5.66
C ILE A 216 12.29 16.76 6.16
N SER A 217 12.72 17.09 7.35
CA SER A 217 12.62 18.45 7.91
C SER A 217 14.01 18.80 8.42
N ALA A 218 14.43 20.03 8.17
CA ALA A 218 15.75 20.52 8.60
C ALA A 218 15.63 22.00 8.92
N SER A 219 16.37 22.45 9.94
CA SER A 219 16.53 23.88 10.25
C SER A 219 17.95 24.23 10.71
N LEU A 220 18.39 25.40 10.24
CA LEU A 220 19.63 26.11 10.64
C LEU A 220 19.54 26.52 12.11
N THR A 221 20.64 26.39 12.86
CA THR A 221 20.74 26.94 14.24
C THR A 221 21.24 28.39 14.16
N ASP A 222 21.90 28.76 13.05
CA ASP A 222 22.27 30.16 12.74
C ASP A 222 21.08 30.83 12.06
N ARG A 223 20.40 31.71 12.80
CA ARG A 223 19.06 32.21 12.44
C ARG A 223 19.07 33.66 11.95
N ASP A 224 20.20 34.23 11.50
CA ASP A 224 20.27 35.66 11.06
C ASP A 224 20.23 35.80 9.54
N GLY A 225 20.14 34.69 8.82
CA GLY A 225 19.96 34.67 7.36
C GLY A 225 21.29 34.64 6.64
N SER A 226 22.41 34.59 7.37
CA SER A 226 23.74 34.50 6.74
C SER A 226 23.98 33.08 6.23
N GLU A 227 23.23 32.10 6.76
CA GLU A 227 23.37 30.67 6.34
C GLU A 227 22.17 30.28 5.49
N GLN A 228 22.40 29.38 4.52
CA GLN A 228 21.31 28.65 3.83
C GLN A 228 21.67 27.16 3.84
N PHE A 229 20.69 26.32 3.52
CA PHE A 229 20.88 24.88 3.27
C PHE A 229 21.51 24.76 1.88
N ASP A 230 22.75 24.32 1.82
CA ASP A 230 23.46 24.00 0.55
C ASP A 230 22.73 22.85 -0.15
N SER A 231 22.54 21.75 0.56
CA SER A 231 21.95 20.51 -0.02
C SER A 231 21.52 19.53 1.07
N LEU A 232 20.69 18.58 0.66
CA LEU A 232 20.25 17.40 1.45
C LEU A 232 20.79 16.17 0.71
N VAL A 233 21.69 15.41 1.33
CA VAL A 233 22.37 14.27 0.67
C VAL A 233 21.74 12.99 1.23
N LEU A 234 21.04 12.23 0.37
CA LEU A 234 20.46 10.93 0.74
C LEU A 234 21.44 9.83 0.36
N THR A 235 21.67 8.89 1.28
CA THR A 235 22.57 7.73 1.04
C THR A 235 21.92 6.45 1.57
N GLY A 236 22.45 5.32 1.10
CA GLY A 236 22.12 3.98 1.62
C GLY A 236 21.00 3.34 0.82
N MET A 237 20.57 3.99 -0.26
CA MET A 237 19.38 3.59 -1.08
C MET A 237 19.77 2.53 -2.10
N PRO A 238 18.85 1.57 -2.42
CA PRO A 238 19.13 0.60 -3.48
C PRO A 238 19.31 1.22 -4.86
N THR A 239 20.32 0.75 -5.57
CA THR A 239 20.62 1.13 -6.96
C THR A 239 19.36 0.87 -7.82
N GLY A 240 19.00 1.84 -8.64
CA GLY A 240 17.84 1.80 -9.55
C GLY A 240 16.55 2.29 -8.89
N SER A 241 16.58 2.64 -7.60
CA SER A 241 15.45 3.32 -6.93
C SER A 241 15.20 4.71 -7.54
N THR A 242 13.92 5.11 -7.65
CA THR A 242 13.51 6.44 -8.14
C THR A 242 12.87 7.22 -7.01
N LEU A 243 13.41 8.41 -6.75
CA LEU A 243 12.80 9.34 -5.78
C LEU A 243 11.80 10.23 -6.52
N TYR A 244 10.61 10.32 -5.95
CA TYR A 244 9.52 11.19 -6.41
C TYR A 244 9.20 12.21 -5.33
N GLN A 245 8.81 13.40 -5.79
CA GLN A 245 8.01 14.34 -4.96
C GLN A 245 6.68 14.50 -5.67
N GLY A 246 5.61 14.03 -5.04
CA GLY A 246 4.33 13.82 -5.73
C GLY A 246 4.57 13.28 -7.12
N SER A 247 4.27 14.12 -8.09
CA SER A 247 4.37 13.88 -9.54
C SER A 247 5.85 13.81 -9.97
N THR A 248 6.64 14.81 -9.58
CA THR A 248 8.02 15.07 -10.07
C THR A 248 8.95 13.87 -9.76
N VAL A 249 9.68 13.39 -10.75
CA VAL A 249 10.89 12.54 -10.56
C VAL A 249 12.02 13.45 -10.07
N LEU A 250 12.51 13.27 -8.84
CA LEU A 250 13.68 14.03 -8.31
C LEU A 250 15.00 13.40 -8.78
N GLY A 251 15.07 12.09 -8.99
CA GLY A 251 16.34 11.44 -9.37
C GLY A 251 16.30 9.92 -9.29
N THR A 252 17.19 9.24 -9.98
CA THR A 252 17.37 7.78 -9.91
C THR A 252 18.70 7.46 -9.22
N VAL A 253 18.67 6.54 -8.28
CA VAL A 253 19.79 6.19 -7.38
C VAL A 253 20.77 5.35 -8.20
N GLY A 254 22.02 5.81 -8.30
CA GLY A 254 23.09 5.12 -9.05
C GLY A 254 23.75 4.05 -8.20
N ALA A 255 24.89 3.54 -8.68
CA ALA A 255 25.75 2.48 -8.07
C ALA A 255 26.10 2.85 -6.62
N ASP A 256 26.27 4.13 -6.34
CA ASP A 256 26.78 4.64 -5.03
C ASP A 256 25.66 4.77 -3.99
N GLY A 257 24.39 4.57 -4.34
CA GLY A 257 23.28 4.55 -3.35
C GLY A 257 22.85 5.95 -2.91
N LYS A 258 23.22 6.96 -3.68
CA LYS A 258 23.19 8.39 -3.23
C LYS A 258 22.37 9.28 -4.17
N LEU A 259 21.73 10.30 -3.58
CA LEU A 259 21.10 11.43 -4.31
C LEU A 259 21.42 12.73 -3.58
N THR A 260 21.86 13.75 -4.33
CA THR A 260 22.14 15.10 -3.75
C THR A 260 20.95 15.99 -4.11
N LEU A 261 20.11 16.37 -3.13
CA LEU A 261 18.95 17.24 -3.41
C LEU A 261 19.32 18.72 -3.24
N THR A 262 18.90 19.53 -4.20
CA THR A 262 19.06 21.02 -4.21
C THR A 262 17.84 21.63 -4.89
N GLY A 263 17.50 22.88 -4.54
CA GLY A 263 16.45 23.66 -5.22
C GLY A 263 15.03 23.15 -4.97
N LEU A 264 14.77 22.40 -3.91
CA LEU A 264 13.41 21.85 -3.66
C LEU A 264 12.72 22.67 -2.57
N TRP A 265 13.33 23.81 -2.25
CA TRP A 265 12.85 24.69 -1.17
C TRP A 265 13.14 26.14 -1.55
N ASN A 266 12.35 27.06 -1.00
CA ASN A 266 12.74 28.49 -0.97
C ASN A 266 14.20 28.51 -0.52
N GLN A 267 15.13 28.96 -1.36
CA GLN A 267 16.57 28.94 -1.03
C GLN A 267 16.91 29.83 0.18
N SER A 268 16.06 30.83 0.46
CA SER A 268 16.26 31.79 1.59
C SER A 268 15.94 31.14 2.94
N ALA A 269 15.04 30.15 2.94
CA ALA A 269 14.41 29.54 4.14
C ALA A 269 15.45 29.04 5.16
N LEU A 270 15.19 29.27 6.45
CA LEU A 270 16.00 28.80 7.60
C LEU A 270 15.55 27.39 7.98
N ASP A 271 14.38 27.00 7.53
CA ASP A 271 13.74 25.71 7.88
C ASP A 271 13.18 25.08 6.60
N VAL A 272 13.49 23.81 6.38
CA VAL A 272 13.05 23.05 5.18
C VAL A 272 12.20 21.88 5.68
N LYS A 273 11.05 21.67 5.07
CA LYS A 273 10.21 20.46 5.19
C LYS A 273 9.87 19.99 3.77
N LEU A 274 10.44 18.85 3.40
CA LEU A 274 10.11 18.15 2.14
C LEU A 274 9.10 17.05 2.48
N THR A 275 7.89 17.19 1.94
CA THR A 275 6.80 16.21 2.10
C THR A 275 6.42 15.67 0.73
N GLY A 276 5.63 14.61 0.73
CA GLY A 276 5.20 13.94 -0.50
C GLY A 276 6.37 13.27 -1.19
N LEU A 277 7.37 12.83 -0.41
CA LEU A 277 8.50 12.09 -1.01
C LEU A 277 8.19 10.60 -1.02
N THR A 278 8.50 9.94 -2.14
CA THR A 278 8.35 8.48 -2.27
C THR A 278 9.60 7.91 -2.95
N LEU A 279 10.22 6.94 -2.29
CA LEU A 279 11.30 6.13 -2.89
C LEU A 279 10.69 4.83 -3.44
N ARG A 280 10.66 4.70 -4.75
CA ARG A 280 10.18 3.50 -5.47
C ARG A 280 11.39 2.58 -5.76
N VAL A 281 11.46 1.48 -5.02
CA VAL A 281 12.59 0.53 -5.03
C VAL A 281 12.17 -0.65 -5.91
N PRO A 282 13.02 -1.07 -6.86
CA PRO A 282 12.77 -2.27 -7.64
C PRO A 282 12.55 -3.45 -6.69
N GLY A 283 11.57 -4.32 -7.01
CA GLY A 283 11.32 -5.51 -6.17
C GLY A 283 12.54 -6.41 -6.07
N SER A 284 13.40 -6.42 -7.09
CA SER A 284 14.63 -7.25 -7.13
C SER A 284 15.68 -6.74 -6.13
N SER A 285 15.59 -5.48 -5.69
CA SER A 285 16.55 -4.81 -4.77
C SER A 285 16.19 -5.16 -3.33
N ALA A 286 16.97 -4.64 -2.38
CA ALA A 286 17.05 -5.14 -0.98
C ALA A 286 15.73 -4.83 -0.24
N GLY A 287 15.19 -5.85 0.43
CA GLY A 287 14.00 -5.73 1.28
C GLY A 287 14.29 -4.93 2.55
N GLN A 288 15.56 -4.66 2.87
CA GLN A 288 15.95 -3.83 4.04
C GLN A 288 17.16 -2.93 3.74
N PHE A 289 17.07 -1.68 4.17
CA PHE A 289 18.15 -0.68 3.99
C PHE A 289 17.91 0.49 4.94
N ASP A 290 18.97 1.24 5.20
CA ASP A 290 18.91 2.47 6.03
C ASP A 290 18.99 3.66 5.08
N LEU A 291 17.95 4.50 5.09
CA LEU A 291 17.90 5.78 4.33
C LEU A 291 18.48 6.85 5.24
N LYS A 292 19.66 7.35 4.89
CA LYS A 292 20.34 8.42 5.67
C LYS A 292 20.19 9.76 4.94
N VAL A 293 19.99 10.82 5.72
CA VAL A 293 19.98 12.21 5.18
C VAL A 293 21.05 12.99 5.91
N GLU A 294 21.87 13.69 5.14
CA GLU A 294 22.86 14.69 5.64
C GLU A 294 22.36 16.07 5.21
N ALA A 295 22.00 16.92 6.17
CA ALA A 295 21.62 18.32 5.90
C ALA A 295 22.88 19.16 5.99
N ILE A 296 23.22 19.85 4.90
CA ILE A 296 24.44 20.68 4.83
C ILE A 296 24.06 22.17 4.83
N ALA A 297 24.43 22.83 5.93
CA ALA A 297 24.27 24.28 6.18
C ALA A 297 25.51 25.00 5.64
N LYS A 298 25.38 26.15 4.98
CA LYS A 298 26.64 26.87 4.68
C LYS A 298 26.55 28.40 4.77
N GLU A 299 27.73 29.00 5.00
CA GLU A 299 28.19 30.35 4.58
C GLU A 299 29.71 30.28 4.37
N VAL A 300 30.17 30.04 3.12
CA VAL A 300 31.61 29.85 2.73
C VAL A 300 32.10 28.51 3.30
N ALA A 301 32.19 28.38 4.64
CA ALA A 301 32.40 27.14 5.42
C ALA A 301 31.09 26.32 5.42
N THR A 302 31.13 25.07 5.87
CA THR A 302 29.93 24.20 5.92
C THR A 302 29.90 23.40 7.21
N ASP A 303 28.69 23.00 7.58
CA ASP A 303 28.48 22.03 8.68
C ASP A 303 27.29 21.14 8.32
N GLN A 304 27.21 19.98 8.94
CA GLN A 304 26.29 18.89 8.54
C GLN A 304 25.69 18.35 9.83
N THR A 305 24.47 17.87 9.75
CA THR A 305 23.92 16.87 10.70
C THR A 305 23.25 15.77 9.87
N SER A 306 23.00 14.64 10.47
CA SER A 306 22.37 13.52 9.74
C SER A 306 21.41 12.76 10.67
N SER A 307 20.41 12.11 10.08
CA SER A 307 19.44 11.21 10.72
C SER A 307 19.28 10.02 9.77
N ALA A 308 18.78 8.90 10.26
CA ALA A 308 18.49 7.69 9.44
C ALA A 308 17.14 7.10 9.85
N SER A 309 16.46 6.45 8.91
CA SER A 309 15.33 5.54 9.21
C SER A 309 15.55 4.21 8.48
N ASP A 310 15.20 3.09 9.11
CA ASP A 310 15.37 1.73 8.54
C ASP A 310 14.09 1.45 7.72
N GLN A 311 14.25 1.06 6.45
CA GLN A 311 13.08 0.80 5.56
C GLN A 311 13.01 -0.69 5.22
N ASP A 312 11.85 -1.29 5.53
CA ASP A 312 11.57 -2.76 5.42
C ASP A 312 10.68 -3.04 4.18
C1 EDO B . 14.01 10.37 12.44
O1 EDO B . 12.65 10.58 12.79
C2 EDO B . 14.70 9.41 13.34
O2 EDO B . 14.84 8.11 12.79
C1 EDO C . -8.54 -8.48 -12.46
O1 EDO C . -7.47 -7.72 -12.99
C2 EDO C . -8.63 -9.78 -13.09
O2 EDO C . -7.37 -10.42 -13.23
C1 EDO D . -1.53 -3.55 -1.61
O1 EDO D . -1.13 -2.47 -0.87
C2 EDO D . -0.45 -4.18 -2.39
O2 EDO D . 0.19 -5.12 -1.59
C1 EDO E . 12.12 3.13 -10.37
O1 EDO E . 13.46 2.88 -10.30
C2 EDO E . 11.35 1.88 -10.35
O2 EDO E . 11.61 1.17 -9.14
C1 EDO F . 10.25 25.02 2.44
O1 EDO F . 9.92 25.83 1.31
C2 EDO F . 10.17 23.54 2.24
O2 EDO F . 9.97 23.07 0.88
CA CA G . -10.79 -19.27 -8.58
CA CA H . -20.01 -9.42 -13.66
CA CA I . -13.89 -15.98 -10.38
CA CA J . -16.96 -12.67 -12.11
CA CA K . -16.94 -7.43 5.48
CA CA L . 24.96 34.36 11.31
CA CA M . -26.20 -3.17 3.06
CA CA N . 27.13 30.66 11.22
CA CA O . -21.55 -4.94 4.10
#